data_4DZV
#
_entry.id   4DZV
#
_cell.length_a   47.950
_cell.length_b   57.302
_cell.length_c   102.036
_cell.angle_alpha   90.000
_cell.angle_beta   90.000
_cell.angle_gamma   90.000
#
_symmetry.space_group_name_H-M   'P 21 21 21'
#
loop_
_entity.id
_entity.type
_entity.pdbx_description
1 polymer gp41-5
2 polymer 4-alpha/beta
3 non-polymer GLYCEROL
4 water water
#
loop_
_entity_poly.entity_id
_entity_poly.type
_entity_poly.pdbx_seq_one_letter_code
_entity_poly.pdbx_strand_id
1 'polypeptide(L)'
;SGIVQQQNNLLRAIEAQQHLLQLTVWGIKQLQARILSGGSGGWMEWDREINNYTSLIHSLIEESQNQQEKNEQELLGGSG
GSGIVQQQNNLLRAIEAQQHLLQLTVWGIKQLQARILSGGSGGWMEWDREINNYTSLIHSLIEESQNQQEKNEQELLGGS
GGSGIVQQQNNLLRAIEAQQHLLQLTVWGIKQLQARIL
;
A
2 'polypeptide(L)'
;(ACE)(HMR)TWE(B3E)WD(HMR)AIA(B3E)YA(HMR)RIE(B3E)LI(HMR)AAQ(B3E)QQ(HMR)KNE(B3E)AL
(HMR)EL
;
B
#
loop_
_chem_comp.id
_chem_comp.type
_chem_comp.name
_chem_comp.formula
ACE non-polymer 'ACETYL GROUP' 'C2 H4 O'
GOL non-polymer GLYCEROL 'C3 H8 O3'
#
# COMPACT_ATOMS: atom_id res chain seq x y z
N GLY A 2 -13.53 -3.81 19.75
CA GLY A 2 -13.56 -2.95 18.56
C GLY A 2 -12.72 -3.54 17.43
N ILE A 3 -12.28 -4.80 17.55
CA ILE A 3 -11.31 -5.33 16.56
C ILE A 3 -11.96 -5.38 15.17
N VAL A 4 -13.20 -5.85 15.12
CA VAL A 4 -13.84 -6.02 13.82
C VAL A 4 -13.98 -4.66 13.12
N GLN A 5 -14.41 -3.63 13.86
CA GLN A 5 -14.53 -2.29 13.30
C GLN A 5 -13.16 -1.73 12.82
N GLN A 6 -12.10 -2.00 13.61
CA GLN A 6 -10.75 -1.52 13.27
C GLN A 6 -10.31 -2.20 11.97
N GLN A 7 -10.60 -3.49 11.86
CA GLN A 7 -10.32 -4.25 10.66
C GLN A 7 -11.01 -3.67 9.44
N ASN A 8 -12.23 -3.18 9.64
CA ASN A 8 -12.90 -2.46 8.57
C ASN A 8 -12.18 -1.18 8.10
N ASN A 9 -11.72 -0.37 9.06
CA ASN A 9 -10.94 0.84 8.75
C ASN A 9 -9.60 0.52 8.05
N LEU A 10 -8.93 -0.54 8.50
CA LEU A 10 -7.70 -0.98 7.81
C LEU A 10 -7.99 -1.44 6.37
N LEU A 11 -9.10 -2.15 6.19
CA LEU A 11 -9.49 -2.61 4.87
C LEU A 11 -9.78 -1.39 3.98
N ARG A 12 -10.52 -0.42 4.52
CA ARG A 12 -10.81 0.81 3.80
C ARG A 12 -9.54 1.57 3.44
N ALA A 13 -8.55 1.58 4.33
CA ALA A 13 -7.29 2.29 4.06
C ALA A 13 -6.58 1.61 2.86
N ILE A 14 -6.54 0.26 2.88
CA ILE A 14 -5.97 -0.53 1.81
C ILE A 14 -6.62 -0.28 0.46
N GLU A 15 -7.97 -0.24 0.44
CA GLU A 15 -8.73 0.12 -0.78
C GLU A 15 -8.44 1.51 -1.33
N ALA A 16 -8.41 2.50 -0.46
CA ALA A 16 -8.06 3.86 -0.87
C ALA A 16 -6.59 3.91 -1.35
N GLN A 17 -5.70 3.16 -0.70
CA GLN A 17 -4.28 3.10 -1.16
C GLN A 17 -4.19 2.48 -2.54
N GLN A 18 -5.02 1.47 -2.80
CA GLN A 18 -5.10 0.87 -4.14
C GLN A 18 -5.55 1.84 -5.23
N HIS A 19 -6.58 2.64 -4.98
CA HIS A 19 -6.96 3.69 -5.91
C HIS A 19 -5.82 4.66 -6.15
N LEU A 20 -5.17 5.06 -5.06
CA LEU A 20 -4.09 6.01 -5.15
C LEU A 20 -2.96 5.38 -6.03
N LEU A 21 -2.61 4.13 -5.75
CA LEU A 21 -1.65 3.35 -6.56
C LEU A 21 -2.03 3.31 -8.04
N GLN A 22 -3.30 3.08 -8.34
CA GLN A 22 -3.73 3.07 -9.75
C GLN A 22 -3.52 4.44 -10.41
N LEU A 23 -3.74 5.52 -9.65
CA LEU A 23 -3.46 6.86 -10.18
C LEU A 23 -1.97 7.02 -10.50
N THR A 24 -1.10 6.47 -9.65
CA THR A 24 0.33 6.66 -9.88
C THR A 24 0.73 5.87 -11.11
N VAL A 25 0.15 4.68 -11.26
CA VAL A 25 0.39 3.84 -12.44
C VAL A 25 -0.04 4.65 -13.72
N TRP A 26 -1.20 5.30 -13.68
CA TRP A 26 -1.63 6.16 -14.79
C TRP A 26 -0.55 7.20 -15.12
N GLY A 27 -0.12 7.95 -14.10
CA GLY A 27 0.91 8.99 -14.26
C GLY A 27 2.18 8.42 -14.88
N ILE A 28 2.59 7.24 -14.42
CA ILE A 28 3.82 6.63 -14.94
C ILE A 28 3.69 6.29 -16.42
N LYS A 29 2.52 5.75 -16.79
CA LYS A 29 2.25 5.42 -18.19
C LYS A 29 2.22 6.67 -19.09
N GLN A 30 1.63 7.77 -18.63
CA GLN A 30 1.75 9.00 -19.40
C GLN A 30 3.23 9.31 -19.65
N LEU A 31 4.04 9.24 -18.59
CA LEU A 31 5.43 9.62 -18.67
C LEU A 31 6.19 8.68 -19.57
N GLN A 32 5.94 7.38 -19.43
CA GLN A 32 6.63 6.36 -20.24
C GLN A 32 6.38 6.56 -21.75
N ALA A 33 5.16 6.97 -22.12
CA ALA A 33 4.82 7.22 -23.53
C ALA A 33 5.64 8.40 -24.09
N ARG A 34 5.94 9.40 -23.26
CA ARG A 34 6.75 10.52 -23.73
C ARG A 34 8.27 10.24 -23.77
N ILE A 35 8.76 9.38 -22.86
CA ILE A 35 10.22 9.26 -22.65
C ILE A 35 10.79 8.04 -23.34
N LEU A 36 9.99 6.97 -23.40
CA LEU A 36 10.54 5.68 -23.87
C LEU A 36 10.02 5.26 -25.23
N SER A 37 10.79 4.41 -25.91
CA SER A 37 10.52 3.94 -27.26
C SER A 37 10.46 2.39 -27.21
N GLY A 38 9.29 1.83 -27.50
CA GLY A 38 9.13 0.38 -27.54
C GLY A 38 8.78 -0.21 -26.18
N GLY A 39 9.46 -1.29 -25.82
CA GLY A 39 9.14 -2.02 -24.60
C GLY A 39 10.32 -2.70 -23.97
N SER A 40 11.53 -2.42 -24.45
CA SER A 40 12.72 -3.06 -23.87
C SER A 40 13.14 -2.39 -22.56
N GLY A 41 14.27 -2.84 -22.00
CA GLY A 41 14.76 -2.35 -20.73
C GLY A 41 13.90 -2.84 -19.56
N GLY A 42 13.00 -3.80 -19.81
CA GLY A 42 12.12 -4.36 -18.80
C GLY A 42 10.68 -3.86 -18.79
N TRP A 43 10.35 -2.93 -19.69
CA TRP A 43 9.05 -2.28 -19.70
C TRP A 43 7.89 -3.15 -20.12
N MET A 44 8.14 -4.04 -21.09
CA MET A 44 7.15 -5.02 -21.50
C MET A 44 6.70 -5.89 -20.30
N GLU A 45 7.68 -6.43 -19.58
CA GLU A 45 7.39 -7.21 -18.37
C GLU A 45 6.66 -6.35 -17.31
N TRP A 46 7.11 -5.10 -17.12
CA TRP A 46 6.50 -4.14 -16.18
C TRP A 46 5.04 -4.00 -16.37
N ASP A 47 4.63 -3.71 -17.60
CA ASP A 47 3.24 -3.64 -17.97
C ASP A 47 2.43 -4.88 -17.53
N ARG A 48 2.94 -6.08 -17.84
CA ARG A 48 2.24 -7.34 -17.51
C ARG A 48 2.17 -7.54 -15.97
N GLU A 49 3.26 -7.19 -15.27
CA GLU A 49 3.38 -7.40 -13.82
C GLU A 49 2.51 -6.41 -13.05
N ILE A 50 2.45 -5.17 -13.52
CA ILE A 50 1.45 -4.23 -12.99
C ILE A 50 0.06 -4.87 -13.04
N ASN A 51 -0.31 -5.44 -14.20
CA ASN A 51 -1.63 -6.03 -14.41
C ASN A 51 -1.82 -7.27 -13.55
N ASN A 52 -0.79 -8.14 -13.48
CA ASN A 52 -0.85 -9.31 -12.59
C ASN A 52 -1.05 -8.97 -11.11
N TYR A 53 -0.27 -8.05 -10.58
CA TYR A 53 -0.47 -7.68 -9.15
C TYR A 53 -1.75 -6.91 -8.89
N THR A 54 -2.16 -6.07 -9.84
CA THR A 54 -3.45 -5.36 -9.77
C THR A 54 -4.62 -6.34 -9.67
N SER A 55 -4.63 -7.38 -10.52
CA SER A 55 -5.78 -8.29 -10.44
C SER A 55 -5.64 -9.16 -9.15
N LEU A 56 -4.42 -9.47 -8.72
CA LEU A 56 -4.26 -10.14 -7.46
C LEU A 56 -4.82 -9.30 -6.30
N ILE A 57 -4.49 -8.01 -6.26
CA ILE A 57 -4.94 -7.16 -5.15
C ILE A 57 -6.46 -7.06 -5.13
N HIS A 58 -7.09 -6.85 -6.29
CA HIS A 58 -8.59 -6.80 -6.37
C HIS A 58 -9.27 -8.01 -5.78
N SER A 59 -8.72 -9.16 -6.11
CA SER A 59 -9.17 -10.43 -5.61
C SER A 59 -8.99 -10.56 -4.07
N LEU A 60 -7.84 -10.13 -3.54
CA LEU A 60 -7.63 -10.10 -2.06
C LEU A 60 -8.55 -9.13 -1.35
N ILE A 61 -8.73 -7.93 -1.89
CA ILE A 61 -9.76 -7.02 -1.39
C ILE A 61 -11.18 -7.62 -1.39
N GLU A 62 -11.56 -8.29 -2.48
CA GLU A 62 -12.85 -8.99 -2.53
C GLU A 62 -12.98 -10.05 -1.44
N GLU A 63 -11.97 -10.94 -1.29
CA GLU A 63 -11.93 -11.91 -0.18
C GLU A 63 -12.02 -11.22 1.19
N SER A 64 -11.31 -10.10 1.36
CA SER A 64 -11.31 -9.42 2.65
C SER A 64 -12.69 -8.87 2.96
N GLN A 65 -13.37 -8.28 1.95
CA GLN A 65 -14.73 -7.76 2.11
C GLN A 65 -15.68 -8.85 2.58
N ASN A 66 -15.61 -10.01 1.93
CA ASN A 66 -16.41 -11.16 2.32
C ASN A 66 -16.17 -11.62 3.73
N GLN A 67 -14.90 -11.73 4.10
CA GLN A 67 -14.61 -12.09 5.48
C GLN A 67 -15.11 -11.00 6.43
N GLN A 68 -15.06 -9.76 5.98
CA GLN A 68 -15.43 -8.63 6.85
C GLN A 68 -16.94 -8.70 7.16
N GLU A 69 -17.74 -8.93 6.13
CA GLU A 69 -19.19 -9.12 6.28
C GLU A 69 -19.48 -10.34 7.21
N LYS A 70 -18.79 -11.44 6.97
CA LYS A 70 -18.94 -12.64 7.80
C LYS A 70 -18.65 -12.33 9.30
N ASN A 71 -17.54 -11.62 9.56
CA ASN A 71 -17.21 -11.28 10.94
C ASN A 71 -18.25 -10.34 11.57
N GLU A 72 -18.78 -9.42 10.78
CA GLU A 72 -19.77 -8.46 11.31
C GLU A 72 -21.11 -9.16 11.64
N GLN A 73 -21.42 -10.23 10.93
CA GLN A 73 -22.64 -10.98 11.17
C GLN A 73 -22.52 -11.91 12.36
N GLU A 74 -21.31 -12.05 12.91
CA GLU A 74 -21.04 -13.02 13.97
C GLU A 74 -20.53 -12.40 15.25
N LEU A 75 -20.64 -11.07 15.36
CA LEU A 75 -20.16 -10.35 16.53
C LEU A 75 -20.78 -10.78 17.83
N LEU A 76 -22.02 -11.27 17.78
CA LEU A 76 -22.67 -11.60 19.05
C LEU A 76 -22.38 -13.04 19.51
N GLY A 77 -21.86 -13.87 18.61
CA GLY A 77 -21.44 -15.24 18.92
C GLY A 77 -20.26 -15.27 19.87
N GLY A 80 -15.46 -16.44 18.24
CA GLY A 80 -15.10 -16.24 16.84
C GLY A 80 -13.73 -15.61 16.60
N GLY A 81 -12.73 -16.09 17.35
CA GLY A 81 -11.32 -15.72 17.17
C GLY A 81 -10.82 -16.08 15.78
N SER A 82 -11.24 -17.21 15.23
CA SER A 82 -10.69 -17.64 13.95
C SER A 82 -11.03 -16.74 12.73
N GLY A 83 -12.22 -16.15 12.72
CA GLY A 83 -12.61 -15.21 11.67
C GLY A 83 -11.77 -13.95 11.73
N ILE A 84 -11.50 -13.48 12.95
CA ILE A 84 -10.68 -12.29 13.17
C ILE A 84 -9.22 -12.56 12.78
N VAL A 85 -8.73 -13.74 13.12
CA VAL A 85 -7.36 -14.14 12.74
C VAL A 85 -7.23 -14.31 11.25
N GLN A 86 -8.30 -14.86 10.63
CA GLN A 86 -8.39 -15.04 9.18
C GLN A 86 -8.34 -13.70 8.46
N GLN A 87 -9.11 -12.73 8.96
CA GLN A 87 -9.15 -11.39 8.39
C GLN A 87 -7.79 -10.74 8.50
N GLN A 88 -7.08 -11.00 9.60
CA GLN A 88 -5.75 -10.52 9.69
C GLN A 88 -4.85 -11.07 8.60
N ASN A 89 -5.01 -12.33 8.24
CA ASN A 89 -4.19 -12.93 7.18
C ASN A 89 -4.56 -12.25 5.86
N ASN A 90 -5.86 -12.01 5.65
CA ASN A 90 -6.31 -11.37 4.42
C ASN A 90 -5.70 -9.97 4.25
N LEU A 91 -5.72 -9.19 5.33
CA LEU A 91 -5.18 -7.84 5.28
C LEU A 91 -3.69 -7.87 5.01
N LEU A 92 -2.98 -8.80 5.66
CA LEU A 92 -1.54 -8.95 5.45
C LEU A 92 -1.19 -9.29 3.98
N ARG A 93 -1.85 -10.31 3.43
CA ARG A 93 -1.70 -10.66 2.00
C ARG A 93 -1.96 -9.47 1.04
N ALA A 94 -2.99 -8.67 1.31
CA ALA A 94 -3.29 -7.46 0.52
C ALA A 94 -2.15 -6.41 0.59
N ILE A 95 -1.61 -6.25 1.79
CA ILE A 95 -0.53 -5.33 2.03
C ILE A 95 0.74 -5.81 1.31
N GLU A 96 0.98 -7.12 1.31
CA GLU A 96 2.16 -7.65 0.61
C GLU A 96 2.01 -7.47 -0.90
N ALA A 97 0.80 -7.68 -1.42
CA ALA A 97 0.56 -7.53 -2.86
C ALA A 97 0.69 -6.07 -3.23
N GLN A 98 0.15 -5.17 -2.40
CA GLN A 98 0.34 -3.74 -2.63
CA GLN A 98 0.33 -3.70 -2.52
C GLN A 98 1.82 -3.31 -2.58
N GLN A 99 2.61 -3.92 -1.69
CA GLN A 99 4.04 -3.64 -1.65
C GLN A 99 4.77 -4.06 -2.95
N HIS A 100 4.40 -5.19 -3.53
CA HIS A 100 4.94 -5.54 -4.85
C HIS A 100 4.60 -4.53 -5.91
N LEU A 101 3.36 -4.06 -5.91
CA LEU A 101 2.95 -3.08 -6.88
C LEU A 101 3.74 -1.81 -6.66
N LEU A 102 3.85 -1.38 -5.41
CA LEU A 102 4.59 -0.18 -5.04
C LEU A 102 6.05 -0.27 -5.50
N GLN A 103 6.67 -1.42 -5.29
CA GLN A 103 8.07 -1.60 -5.73
C GLN A 103 8.15 -1.48 -7.26
N LEU A 104 7.12 -1.92 -7.98
CA LEU A 104 7.12 -1.81 -9.43
C LEU A 104 7.02 -0.33 -9.84
N THR A 105 6.18 0.46 -9.16
CA THR A 105 6.11 1.89 -9.49
C THR A 105 7.39 2.64 -9.16
N VAL A 106 8.05 2.21 -8.07
CA VAL A 106 9.34 2.81 -7.70
C VAL A 106 10.38 2.56 -8.82
N TRP A 107 10.42 1.31 -9.31
CA TRP A 107 11.32 0.93 -10.38
C TRP A 107 11.05 1.76 -11.62
N GLY A 108 9.79 1.95 -11.95
CA GLY A 108 9.43 2.71 -13.11
C GLY A 108 9.83 4.16 -13.01
N ILE A 109 9.60 4.76 -11.83
CA ILE A 109 9.95 6.18 -11.64
C ILE A 109 11.48 6.33 -11.73
N LYS A 110 12.22 5.37 -11.17
CA LYS A 110 13.67 5.44 -11.21
C LYS A 110 14.23 5.32 -12.62
N GLN A 111 13.63 4.46 -13.45
CA GLN A 111 14.11 4.31 -14.84
C GLN A 111 13.86 5.59 -15.62
N LEU A 112 12.70 6.19 -15.42
CA LEU A 112 12.34 7.41 -16.17
C LEU A 112 13.14 8.60 -15.73
N GLN A 113 13.30 8.72 -14.42
CA GLN A 113 14.11 9.79 -13.83
C GLN A 113 15.55 9.75 -14.37
N ALA A 114 16.17 8.56 -14.41
CA ALA A 114 17.56 8.44 -14.90
C ALA A 114 17.76 8.91 -16.35
N ARG A 115 16.71 8.81 -17.19
CA ARG A 115 16.76 9.26 -18.59
C ARG A 115 16.74 10.77 -18.74
N ILE A 116 16.09 11.48 -17.83
CA ILE A 116 15.83 12.88 -18.06
C ILE A 116 16.38 13.85 -17.02
N LEU A 117 16.79 13.34 -15.84
CA LEU A 117 17.21 14.24 -14.76
C LEU A 117 18.43 13.70 -14.03
N SER A 118 19.25 14.61 -13.52
CA SER A 118 20.35 14.18 -12.67
C SER A 118 19.75 13.58 -11.39
N GLY A 119 20.28 12.48 -10.91
CA GLY A 119 19.85 11.99 -9.57
C GLY A 119 20.54 12.70 -8.42
N GLY A 120 21.28 13.77 -8.73
CA GLY A 120 22.09 14.45 -7.71
C GLY A 120 21.51 15.77 -7.26
N SER A 121 20.32 16.14 -7.72
CA SER A 121 19.75 17.45 -7.34
C SER A 121 18.24 17.45 -7.33
N GLY A 122 17.66 18.61 -7.00
CA GLY A 122 16.20 18.80 -7.00
C GLY A 122 15.36 17.97 -6.02
N GLY A 123 15.99 17.46 -4.95
CA GLY A 123 15.31 16.59 -3.98
C GLY A 123 15.52 15.11 -4.29
N TRP A 124 16.17 14.77 -5.40
CA TRP A 124 16.31 13.36 -5.82
C TRP A 124 17.18 12.50 -4.91
N MET A 125 18.22 13.07 -4.29
CA MET A 125 19.11 12.27 -3.42
C MET A 125 18.37 11.90 -2.13
N GLU A 126 17.67 12.86 -1.58
CA GLU A 126 16.85 12.63 -0.43
C GLU A 126 15.75 11.63 -0.79
N TRP A 127 15.11 11.81 -1.94
CA TRP A 127 14.06 10.89 -2.42
C TRP A 127 14.59 9.47 -2.44
N ASP A 128 15.77 9.30 -2.98
CA ASP A 128 16.33 7.97 -3.09
C ASP A 128 16.60 7.30 -1.73
N ARG A 129 17.13 8.07 -0.77
CA ARG A 129 17.36 7.55 0.62
C ARG A 129 16.06 7.18 1.28
N GLU A 130 15.06 8.06 1.17
CA GLU A 130 13.78 7.86 1.81
C GLU A 130 13.06 6.61 1.26
N ILE A 131 13.12 6.43 -0.07
CA ILE A 131 12.66 5.21 -0.70
C ILE A 131 13.37 3.97 -0.10
N ASN A 132 14.70 3.98 -0.06
CA ASN A 132 15.47 2.90 0.56
C ASN A 132 15.04 2.62 2.02
N ASN A 133 14.90 3.69 2.81
CA ASN A 133 14.56 3.57 4.22
C ASN A 133 13.17 2.95 4.41
N TYR A 134 12.16 3.56 3.78
CA TYR A 134 10.77 3.05 3.89
C TYR A 134 10.60 1.65 3.29
N THR A 135 11.41 1.30 2.30
CA THR A 135 11.38 -0.06 1.75
C THR A 135 11.92 -1.06 2.79
N SER A 136 13.01 -0.72 3.47
CA SER A 136 13.52 -1.56 4.54
C SER A 136 12.50 -1.66 5.69
N LEU A 137 11.91 -0.54 6.05
CA LEU A 137 10.99 -0.52 7.13
C LEU A 137 9.76 -1.40 6.81
N ILE A 138 9.21 -1.22 5.61
CA ILE A 138 8.00 -1.97 5.25
C ILE A 138 8.34 -3.45 5.19
N HIS A 139 9.46 -3.83 4.61
CA HIS A 139 9.82 -5.25 4.64
C HIS A 139 9.92 -5.80 6.05
N SER A 140 10.46 -5.02 6.98
CA SER A 140 10.64 -5.57 8.33
C SER A 140 9.28 -5.69 9.06
N LEU A 141 8.38 -4.75 8.78
CA LEU A 141 7.03 -4.83 9.33
C LEU A 141 6.24 -6.01 8.73
N ILE A 142 6.44 -6.28 7.45
CA ILE A 142 5.74 -7.41 6.81
C ILE A 142 6.23 -8.74 7.42
N GLU A 143 7.55 -8.84 7.61
CA GLU A 143 8.13 -10.04 8.22
C GLU A 143 7.64 -10.23 9.65
N GLU A 144 7.64 -9.16 10.42
CA GLU A 144 7.09 -9.22 11.78
C GLU A 144 5.60 -9.61 11.78
N SER A 145 4.81 -9.04 10.85
CA SER A 145 3.38 -9.42 10.71
C SER A 145 3.22 -10.89 10.35
N GLN A 146 4.08 -11.40 9.49
CA GLN A 146 4.05 -12.84 9.15
C GLN A 146 4.33 -13.74 10.36
N ASN A 147 5.29 -13.33 11.20
CA ASN A 147 5.65 -14.09 12.41
C ASN A 147 4.54 -14.06 13.46
N GLN A 148 3.97 -12.88 13.66
CA GLN A 148 2.84 -12.74 14.53
C GLN A 148 1.61 -13.52 14.03
N GLN A 149 1.42 -13.55 12.70
CA GLN A 149 0.28 -14.26 12.13
C GLN A 149 0.42 -15.77 12.42
N GLU A 150 1.60 -16.34 12.22
CA GLU A 150 1.89 -17.73 12.56
C GLU A 150 1.66 -18.03 14.05
N LYS A 151 2.13 -17.15 14.94
CA LYS A 151 1.87 -17.26 16.37
C LYS A 151 0.38 -17.26 16.73
N ASN A 152 -0.38 -16.26 16.24
CA ASN A 152 -1.82 -16.25 16.48
C ASN A 152 -2.55 -17.51 15.97
N GLU A 153 -2.13 -18.01 14.81
CA GLU A 153 -2.74 -19.20 14.24
C GLU A 153 -2.41 -20.42 15.13
N GLN A 154 -1.19 -20.48 15.64
CA GLN A 154 -0.74 -21.49 16.61
C GLN A 154 -1.59 -21.47 17.88
N GLU A 155 -2.22 -20.34 18.18
CA GLU A 155 -2.99 -20.19 19.41
C GLU A 155 -4.50 -20.30 19.21
N LEU A 156 -4.93 -20.66 18.00
CA LEU A 156 -6.35 -20.89 17.73
C LEU A 156 -6.91 -22.04 18.61
N LEU A 157 -6.15 -23.13 18.75
CA LEU A 157 -6.58 -24.29 19.57
C LEU A 157 -6.94 -23.85 21.02
N GLY A 158 -8.24 -23.87 21.31
CA GLY A 158 -8.79 -23.23 22.52
C GLY A 158 -8.45 -23.93 23.82
N GLY A 162 -6.23 -13.12 22.09
CA GLY A 162 -6.55 -11.81 22.65
C GLY A 162 -5.43 -10.81 22.42
N SER A 163 -4.31 -11.00 23.13
CA SER A 163 -3.18 -10.08 23.02
C SER A 163 -2.37 -10.15 21.71
N GLY A 164 -2.17 -11.36 21.17
CA GLY A 164 -1.56 -11.57 19.86
C GLY A 164 -2.37 -10.88 18.76
N ILE A 165 -3.68 -10.83 18.93
CA ILE A 165 -4.57 -10.21 17.96
C ILE A 165 -4.40 -8.69 17.91
N VAL A 166 -4.37 -8.09 19.09
CA VAL A 166 -4.15 -6.66 19.25
C VAL A 166 -2.77 -6.25 18.70
N GLN A 167 -1.74 -7.03 19.01
CA GLN A 167 -0.41 -6.77 18.47
C GLN A 167 -0.43 -6.82 16.93
N GLN A 168 -1.10 -7.81 16.33
CA GLN A 168 -1.19 -7.89 14.85
C GLN A 168 -1.97 -6.71 14.28
N GLN A 169 -3.00 -6.23 14.99
CA GLN A 169 -3.68 -5.02 14.53
C GLN A 169 -2.70 -3.89 14.44
N ASN A 170 -1.81 -3.79 15.44
CA ASN A 170 -0.77 -2.74 15.41
C ASN A 170 0.21 -2.93 14.25
N ASN A 171 0.70 -4.16 14.07
CA ASN A 171 1.56 -4.47 12.94
C ASN A 171 0.98 -4.01 11.58
N LEU A 172 -0.29 -4.32 11.34
CA LEU A 172 -0.92 -4.07 10.06
C LEU A 172 -1.00 -2.58 9.84
N LEU A 173 -1.46 -1.89 10.89
CA LEU A 173 -1.62 -0.45 10.84
C LEU A 173 -0.28 0.25 10.53
N ARG A 174 0.79 -0.20 11.19
CA ARG A 174 2.08 0.42 10.97
C ARG A 174 2.61 0.13 9.55
N ALA A 175 2.31 -1.05 9.00
CA ALA A 175 2.70 -1.35 7.63
C ALA A 175 1.96 -0.45 6.66
N ILE A 176 0.66 -0.29 6.85
CA ILE A 176 -0.15 0.63 6.05
C ILE A 176 0.37 2.07 6.12
N GLU A 177 0.76 2.51 7.32
CA GLU A 177 1.35 3.85 7.49
C GLU A 177 2.64 4.02 6.68
N ALA A 178 3.53 3.04 6.75
CA ALA A 178 4.78 3.11 6.00
C ALA A 178 4.51 3.05 4.49
N GLN A 179 3.51 2.28 4.08
CA GLN A 179 3.15 2.25 2.66
C GLN A 179 2.63 3.61 2.16
N GLN A 180 1.89 4.30 3.01
CA GLN A 180 1.37 5.61 2.67
C GLN A 180 2.53 6.59 2.42
N HIS A 181 3.58 6.52 3.24
CA HIS A 181 4.75 7.38 3.06
C HIS A 181 5.48 7.08 1.76
N LEU A 182 5.57 5.80 1.40
CA LEU A 182 6.21 5.36 0.17
C LEU A 182 5.37 5.88 -0.99
N LEU A 183 4.06 5.79 -0.81
CA LEU A 183 3.14 6.24 -1.82
C LEU A 183 3.28 7.75 -2.01
N GLN A 184 3.32 8.52 -0.92
CA GLN A 184 3.52 9.96 -1.10
CA GLN A 184 3.63 9.98 -0.91
C GLN A 184 4.90 10.29 -1.75
N LEU A 185 5.94 9.47 -1.53
CA LEU A 185 7.20 9.65 -2.28
C LEU A 185 7.04 9.33 -3.79
N THR A 186 6.21 8.36 -4.13
CA THR A 186 6.07 8.05 -5.55
C THR A 186 5.29 9.20 -6.25
N VAL A 187 4.30 9.75 -5.59
CA VAL A 187 3.52 10.88 -6.12
C VAL A 187 4.47 12.09 -6.36
N TRP A 188 5.33 12.39 -5.37
CA TRP A 188 6.32 13.45 -5.54
C TRP A 188 7.24 13.21 -6.73
N GLY A 189 7.78 11.99 -6.86
CA GLY A 189 8.61 11.64 -7.99
C GLY A 189 7.93 11.90 -9.35
N ILE A 190 6.68 11.45 -9.45
CA ILE A 190 5.88 11.60 -10.65
C ILE A 190 5.65 13.08 -11.00
N LYS A 191 5.33 13.88 -9.98
CA LYS A 191 5.10 15.30 -10.24
C LYS A 191 6.35 16.01 -10.73
N GLN A 192 7.51 15.68 -10.14
CA GLN A 192 8.78 16.23 -10.61
C GLN A 192 9.03 15.85 -12.07
N LEU A 193 8.71 14.61 -12.45
CA LEU A 193 8.98 14.20 -13.83
C LEU A 193 7.98 14.85 -14.79
N GLN A 194 6.72 14.87 -14.39
CA GLN A 194 5.66 15.51 -15.16
C GLN A 194 5.97 16.99 -15.45
N ALA A 195 6.41 17.70 -14.42
CA ALA A 195 6.71 19.12 -14.52
C ALA A 195 7.95 19.35 -15.40
N ARG A 196 8.84 18.36 -15.44
CA ARG A 196 10.01 18.52 -16.27
C ARG A 196 9.70 18.31 -17.74
N ILE A 197 9.00 17.23 -18.07
CA ILE A 197 9.04 16.72 -19.43
C ILE A 197 7.71 16.76 -20.17
N LEU A 198 6.66 17.18 -19.48
CA LEU A 198 5.35 17.42 -20.09
C LEU A 198 4.97 18.87 -19.79
N THR B 3 -6.74 17.54 -16.37
CA THR B 3 -6.49 16.12 -16.12
C THR B 3 -5.43 15.94 -15.04
N TRP B 4 -4.25 16.56 -15.20
CA TRP B 4 -3.17 16.51 -14.20
C TRP B 4 -3.49 17.27 -12.94
N GLU B 5 -4.30 18.33 -13.10
CA GLU B 5 -4.74 19.14 -11.96
C GLU B 5 -5.97 18.56 -11.23
N B3E B 6 -6.92 18.01 -12.00
CA B3E B 6 -8.13 17.41 -11.45
CG B3E B 6 -9.41 18.11 -11.96
CD B3E B 6 -9.60 19.56 -11.49
CB B3E B 6 -8.19 15.93 -11.82
C B3E B 6 -7.29 15.08 -10.95
O B3E B 6 -7.55 14.89 -9.76
N TRP B 7 -6.21 14.56 -11.56
CA TRP B 7 -5.20 13.72 -10.91
C TRP B 7 -4.73 14.23 -9.58
N ASP B 8 -4.27 15.47 -9.56
CA ASP B 8 -3.64 16.01 -8.38
C ASP B 8 -4.61 16.23 -7.20
N HMR B 9 -5.69 16.99 -7.45
CB HMR B 9 -6.71 17.30 -6.47
CC HMR B 9 -7.10 18.76 -6.64
CG HMR B 9 -6.05 19.72 -6.11
CD HMR B 9 -6.41 20.17 -4.70
NE HMR B 9 -5.22 19.87 -3.90
CZ HMR B 9 -5.22 19.75 -2.57
NH1 HMR B 9 -4.09 19.47 -1.92
NH2 HMR B 9 -6.35 19.90 -1.87
C HMR B 9 -8.00 15.13 -6.20
O HMR B 9 -7.90 14.97 -4.98
CA HMR B 9 -7.97 16.53 -6.79
N ALA B 10 -8.11 14.14 -7.08
CA ALA B 10 -8.16 12.72 -6.73
C ALA B 10 -7.11 12.27 -5.71
N ILE B 11 -5.86 12.66 -5.93
CA ILE B 11 -4.76 12.19 -5.07
C ILE B 11 -4.80 12.77 -3.66
N ALA B 12 -4.82 14.09 -3.55
CA ALA B 12 -4.74 14.75 -2.24
C ALA B 12 -6.03 14.57 -1.44
N B3E B 13 -7.19 14.56 -2.16
CA B3E B 13 -8.50 14.39 -1.56
CG B3E B 13 -9.33 15.61 -1.98
CD B3E B 13 -10.60 15.82 -1.13
CE B3E B 13 -11.25 17.19 -1.31
OF2 B3E B 13 -11.29 17.71 -2.45
OF1 B3E B 13 -11.75 17.77 -0.30
CB B3E B 13 -9.17 13.09 -2.04
C B3E B 13 -8.67 11.87 -1.26
O B3E B 13 -8.79 11.79 -0.05
N TYR B 14 -8.08 10.92 -1.97
CA TYR B 14 -7.57 9.71 -1.31
C TYR B 14 -6.53 9.91 -0.21
N ALA B 15 -5.53 10.74 -0.48
CA ALA B 15 -4.41 10.89 0.44
C ALA B 15 -4.80 11.45 1.79
N HMR B 16 -5.52 12.56 1.78
CB HMR B 16 -5.94 13.19 3.00
CC HMR B 16 -5.45 14.65 3.06
CG HMR B 16 -3.96 14.83 2.83
CD HMR B 16 -3.39 15.99 3.65
C HMR B 16 -8.04 11.95 3.66
O HMR B 16 -7.88 11.70 4.85
CA HMR B 16 -7.46 13.19 3.04
N ARG B 17 -8.73 11.15 2.84
CA ARG B 17 -9.34 9.90 3.32
C ARG B 17 -8.40 8.99 4.13
N ILE B 18 -7.20 8.76 3.59
CA ILE B 18 -6.28 7.77 4.19
C ILE B 18 -5.70 8.25 5.50
N GLU B 19 -5.14 9.45 5.47
CA GLU B 19 -4.43 10.02 6.61
C GLU B 19 -5.38 10.22 7.78
N B3E B 20 -6.57 10.75 7.48
CA B3E B 20 -7.60 11.01 8.50
CG B3E B 20 -8.03 12.47 8.38
CD B3E B 20 -6.91 13.48 8.68
CE B3E B 20 -6.38 13.43 10.14
OF2 B3E B 20 -5.14 13.32 10.35
OF1 B3E B 20 -7.18 13.47 11.11
CB B3E B 20 -8.86 10.17 8.27
C B3E B 20 -8.75 8.79 8.89
O B3E B 20 -8.71 8.64 10.10
N LEU B 21 -8.69 7.78 8.01
CA LEU B 21 -8.59 6.37 8.39
C LEU B 21 -7.42 6.02 9.29
N ILE B 22 -6.22 6.47 8.94
CA ILE B 22 -5.03 6.17 9.76
C ILE B 22 -5.00 6.90 11.10
N HMR B 23 -5.11 8.22 11.06
CB HMR B 23 -5.09 9.00 12.31
CC HMR B 23 -4.30 10.31 12.13
CG HMR B 23 -2.91 10.08 11.52
C HMR B 23 -7.24 8.28 13.47
O HMR B 23 -6.85 7.86 14.55
CA HMR B 23 -6.51 9.36 12.71
N ALA B 24 -8.34 7.84 12.88
CA ALA B 24 -9.21 6.80 13.42
C ALA B 24 -8.59 5.49 13.90
N ALA B 25 -7.79 4.86 13.03
CA ALA B 25 -7.26 3.53 13.34
C ALA B 25 -6.34 3.61 14.54
N GLN B 26 -5.56 4.68 14.59
CA GLN B 26 -4.55 4.89 15.65
C GLN B 26 -5.11 5.31 16.99
N B3E B 27 -6.12 6.17 16.95
CA B3E B 27 -6.74 6.66 18.17
CG B3E B 27 -6.69 8.20 18.12
CD B3E B 27 -5.27 8.76 17.94
CB B3E B 27 -8.18 6.16 18.18
C B3E B 27 -8.25 4.73 18.67
O B3E B 27 -7.97 4.45 19.82
N GLN B 28 -8.64 3.82 17.79
CA GLN B 28 -8.76 2.39 18.15
C GLN B 28 -7.54 1.71 18.79
N GLN B 29 -6.34 1.91 18.23
CA GLN B 29 -5.15 1.21 18.74
C GLN B 29 -4.64 1.78 20.08
N HMR B 30 -4.45 3.10 20.15
CB HMR B 30 -3.97 3.73 21.38
CC HMR B 30 -3.04 4.89 21.03
C HMR B 30 -5.86 3.06 22.90
O HMR B 30 -5.24 2.33 23.67
CA HMR B 30 -5.16 4.21 22.20
N LYS B 31 -7.16 2.92 22.62
CA LYS B 31 -8.03 1.87 23.19
C LYS B 31 -7.46 0.46 23.39
N ASN B 32 -6.91 -0.14 22.32
CA ASN B 32 -6.40 -1.52 22.36
C ASN B 32 -5.36 -1.81 23.45
N GLU B 33 -4.53 -0.81 23.78
CA GLU B 33 -3.46 -0.95 24.78
C GLU B 33 -3.89 -0.45 26.16
C1 GOL C . 18.64 15.95 -1.61
O1 GOL C . 17.37 16.35 -1.09
C2 GOL C . 18.55 16.10 -3.12
O2 GOL C . 17.92 17.29 -3.53
C3 GOL C . 19.87 16.30 -3.77
O3 GOL C . 19.45 15.94 -5.07
#